data_2JQ2
#
_entry.id   2JQ2
#
_entity_poly.entity_id   1
_entity_poly.type   'polypeptide(L)'
_entity_poly.pdbx_seq_one_letter_code
;HPLKQYWWRPSI
;
_entity_poly.pdbx_strand_id   A
#
# COMPACT_ATOMS: atom_id res chain seq x y z
N HIS A 1 1.16 10.18 -7.75
CA HIS A 1 1.32 9.66 -6.37
C HIS A 1 0.27 8.60 -6.05
N PRO A 2 0.38 7.42 -6.67
CA PRO A 2 -0.57 6.32 -6.47
C PRO A 2 -0.66 5.89 -5.01
N LEU A 3 -1.20 4.71 -4.81
CA LEU A 3 -1.37 4.15 -3.48
C LEU A 3 -0.17 3.31 -3.07
N LYS A 4 1.00 3.61 -3.61
CA LYS A 4 2.20 2.87 -3.30
C LYS A 4 2.48 2.87 -1.81
N GLN A 5 2.03 3.91 -1.15
CA GLN A 5 2.21 4.03 0.29
C GLN A 5 1.08 3.31 1.02
N TYR A 6 0.18 2.71 0.26
CA TYR A 6 -0.96 2.00 0.87
C TYR A 6 -0.64 0.53 1.13
N TRP A 7 0.49 0.06 0.60
CA TRP A 7 0.92 -1.30 0.78
C TRP A 7 1.46 -1.53 2.18
N TRP A 8 0.63 -1.19 3.16
CA TRP A 8 0.98 -1.32 4.57
C TRP A 8 1.12 -2.79 4.97
N ARG A 9 0.44 -3.68 4.22
CA ARG A 9 0.47 -5.13 4.48
C ARG A 9 -0.84 -5.83 4.08
N PRO A 10 -2.00 -5.16 4.21
CA PRO A 10 -3.29 -5.76 3.87
C PRO A 10 -3.62 -5.65 2.38
N SER A 11 -2.91 -4.75 1.69
CA SER A 11 -3.14 -4.56 0.26
C SER A 11 -2.92 -5.87 -0.50
N ILE A 12 -2.24 -6.82 0.13
CA ILE A 12 -1.97 -8.11 -0.48
C ILE A 12 -3.26 -8.77 -0.96
N HIS A 1 2.78 10.56 -5.02
CA HIS A 1 2.71 9.22 -5.67
C HIS A 1 1.39 8.52 -5.36
N PRO A 2 0.98 7.56 -6.21
CA PRO A 2 -0.27 6.82 -6.05
C PRO A 2 -0.40 6.17 -4.67
N LEU A 3 -1.29 5.20 -4.59
CA LEU A 3 -1.54 4.48 -3.35
C LEU A 3 -0.65 3.26 -3.21
N LYS A 4 0.57 3.34 -3.73
CA LYS A 4 1.49 2.23 -3.66
C LYS A 4 2.10 2.13 -2.27
N GLN A 5 2.14 3.25 -1.58
CA GLN A 5 2.67 3.30 -0.23
C GLN A 5 1.57 3.03 0.78
N TYR A 6 0.39 2.67 0.27
CA TYR A 6 -0.75 2.38 1.13
C TYR A 6 -0.77 0.90 1.51
N TRP A 7 -0.14 0.09 0.67
CA TRP A 7 -0.07 -1.35 0.88
C TRP A 7 0.89 -1.67 2.02
N TRP A 8 0.60 -1.10 3.16
CA TRP A 8 1.41 -1.29 4.35
C TRP A 8 1.09 -2.62 5.01
N ARG A 9 -0.19 -3.01 5.01
CA ARG A 9 -0.61 -4.25 5.66
C ARG A 9 -1.34 -5.25 4.73
N PRO A 10 -1.55 -4.97 3.43
CA PRO A 10 -2.25 -5.91 2.56
C PRO A 10 -1.33 -7.03 2.06
N SER A 11 -0.02 -6.81 2.18
CA SER A 11 0.95 -7.80 1.73
C SER A 11 0.75 -9.13 2.45
N ILE A 12 0.01 -9.11 3.55
CA ILE A 12 -0.26 -10.33 4.31
C ILE A 12 -1.66 -10.29 4.92
N HIS A 1 1.20 11.03 -5.67
CA HIS A 1 1.60 9.59 -5.79
C HIS A 1 0.37 8.69 -5.81
N PRO A 2 0.50 7.46 -6.33
CA PRO A 2 -0.59 6.50 -6.39
C PRO A 2 -0.79 5.79 -5.06
N LEU A 3 -1.14 4.51 -5.08
CA LEU A 3 -1.36 3.75 -3.86
C LEU A 3 -0.08 3.08 -3.38
N LYS A 4 1.07 3.69 -3.68
CA LYS A 4 2.36 3.15 -3.28
C LYS A 4 2.55 3.21 -1.76
N GLN A 5 1.84 4.11 -1.11
CA GLN A 5 1.97 4.27 0.33
C GLN A 5 0.98 3.41 1.10
N TYR A 6 0.07 2.76 0.39
CA TYR A 6 -0.95 1.92 1.02
C TYR A 6 -0.53 0.46 1.19
N TRP A 7 0.59 0.06 0.59
CA TRP A 7 1.07 -1.30 0.70
C TRP A 7 1.60 -1.57 2.10
N TRP A 8 0.77 -1.28 3.09
CA TRP A 8 1.13 -1.47 4.49
C TRP A 8 1.25 -2.96 4.82
N ARG A 9 0.41 -3.77 4.17
CA ARG A 9 0.41 -5.24 4.35
C ARG A 9 -0.96 -5.86 4.07
N PRO A 10 -2.07 -5.17 4.35
CA PRO A 10 -3.41 -5.71 4.12
C PRO A 10 -3.90 -5.44 2.70
N SER A 11 -3.28 -4.48 2.03
CA SER A 11 -3.65 -4.14 0.67
C SER A 11 -3.13 -5.20 -0.31
N ILE A 12 -2.40 -6.18 0.21
CA ILE A 12 -1.85 -7.24 -0.63
C ILE A 12 -1.98 -8.61 0.07
N HIS A 1 0.64 11.02 -6.58
CA HIS A 1 1.29 9.86 -5.93
C HIS A 1 0.28 8.73 -5.71
N PRO A 2 0.41 7.61 -6.44
CA PRO A 2 -0.50 6.47 -6.31
C PRO A 2 -0.63 5.97 -4.89
N LEU A 3 -1.24 4.81 -4.77
CA LEU A 3 -1.44 4.18 -3.46
C LEU A 3 -0.29 3.25 -3.09
N LYS A 4 0.87 3.46 -3.69
CA LYS A 4 2.04 2.64 -3.41
C LYS A 4 2.37 2.62 -1.93
N GLN A 5 2.00 3.69 -1.24
CA GLN A 5 2.23 3.81 0.19
C GLN A 5 1.11 3.18 0.99
N TYR A 6 0.16 2.56 0.30
CA TYR A 6 -0.98 1.91 0.98
C TYR A 6 -0.67 0.46 1.30
N TRP A 7 0.30 -0.12 0.61
CA TRP A 7 0.69 -1.51 0.80
C TRP A 7 1.40 -1.69 2.12
N TRP A 8 0.74 -1.24 3.18
CA TRP A 8 1.28 -1.36 4.52
C TRP A 8 0.74 -2.60 5.21
N ARG A 9 0.80 -3.73 4.49
CA ARG A 9 0.32 -5.02 5.01
C ARG A 9 -1.09 -5.40 4.50
N PRO A 10 -1.72 -4.60 3.60
CA PRO A 10 -3.06 -4.94 3.10
C PRO A 10 -3.03 -6.03 2.03
N SER A 11 -1.84 -6.30 1.49
CA SER A 11 -1.69 -7.32 0.47
C SER A 11 -1.43 -8.69 1.07
N ILE A 12 -1.88 -8.88 2.32
CA ILE A 12 -1.69 -10.14 3.01
C ILE A 12 -0.21 -10.41 3.26
N HIS A 1 2.71 10.77 -5.63
CA HIS A 1 2.82 9.32 -5.98
C HIS A 1 1.51 8.59 -5.74
N PRO A 2 1.28 7.47 -6.45
CA PRO A 2 0.06 6.68 -6.33
C PRO A 2 -0.18 6.20 -4.91
N LEU A 3 -1.00 5.19 -4.79
CA LEU A 3 -1.34 4.61 -3.49
C LEU A 3 -0.38 3.47 -3.12
N LYS A 4 0.79 3.45 -3.73
CA LYS A 4 1.78 2.41 -3.47
C LYS A 4 2.12 2.33 -1.98
N GLN A 5 1.92 3.41 -1.27
CA GLN A 5 2.21 3.46 0.16
C GLN A 5 1.01 3.04 1.01
N TYR A 6 -0.10 2.70 0.36
CA TYR A 6 -1.29 2.30 1.09
C TYR A 6 -1.29 0.82 1.43
N TRP A 7 -0.57 0.03 0.66
CA TRP A 7 -0.48 -1.40 0.92
C TRP A 7 0.71 -1.73 1.79
N TRP A 8 0.71 -1.14 2.98
CA TRP A 8 1.76 -1.36 3.95
C TRP A 8 1.72 -2.78 4.48
N ARG A 9 0.51 -3.26 4.77
CA ARG A 9 0.35 -4.61 5.32
C ARG A 9 -0.89 -5.36 4.80
N PRO A 10 -1.53 -4.94 3.69
CA PRO A 10 -2.71 -5.64 3.17
C PRO A 10 -2.38 -7.02 2.63
N SER A 11 -1.12 -7.22 2.30
CA SER A 11 -0.67 -8.51 1.76
C SER A 11 -0.83 -9.62 2.80
N ILE A 12 -1.12 -9.24 4.05
CA ILE A 12 -1.30 -10.22 5.12
C ILE A 12 -2.37 -9.77 6.08
N HIS A 1 0.94 10.86 -6.81
CA HIS A 1 1.11 10.09 -5.55
C HIS A 1 0.17 8.88 -5.50
N PRO A 2 0.48 7.83 -6.28
CA PRO A 2 -0.31 6.61 -6.34
C PRO A 2 -0.58 6.00 -4.97
N LEU A 3 -1.03 4.77 -4.99
CA LEU A 3 -1.32 4.04 -3.76
C LEU A 3 -0.12 3.26 -3.26
N LYS A 4 1.08 3.67 -3.67
CA LYS A 4 2.31 2.99 -3.25
C LYS A 4 2.42 2.95 -1.74
N GLN A 5 1.80 3.94 -1.09
CA GLN A 5 1.83 4.02 0.36
C GLN A 5 0.70 3.20 0.99
N TYR A 6 -0.04 2.48 0.15
CA TYR A 6 -1.15 1.65 0.64
C TYR A 6 -0.68 0.24 0.96
N TRP A 7 0.47 -0.16 0.40
CA TRP A 7 1.02 -1.47 0.62
C TRP A 7 1.59 -1.60 2.04
N TRP A 8 0.76 -1.27 3.01
CA TRP A 8 1.14 -1.34 4.41
C TRP A 8 1.28 -2.78 4.87
N ARG A 9 0.50 -3.67 4.25
CA ARG A 9 0.51 -5.10 4.57
C ARG A 9 -0.83 -5.78 4.29
N PRO A 10 -1.97 -5.07 4.46
CA PRO A 10 -3.30 -5.63 4.21
C PRO A 10 -3.78 -5.42 2.79
N SER A 11 -3.20 -4.42 2.11
CA SER A 11 -3.58 -4.13 0.74
C SER A 11 -2.72 -4.93 -0.24
N ILE A 12 -2.08 -5.99 0.27
CA ILE A 12 -1.23 -6.83 -0.57
C ILE A 12 -1.73 -8.27 -0.56
N HIS A 1 3.42 8.88 -7.91
CA HIS A 1 3.26 7.48 -7.43
C HIS A 1 1.89 7.28 -6.78
N PRO A 2 1.18 6.19 -7.16
CA PRO A 2 -0.15 5.88 -6.61
C PRO A 2 -0.13 5.76 -5.10
N LEU A 3 -1.17 5.10 -4.58
CA LEU A 3 -1.31 4.89 -3.14
C LEU A 3 -0.66 3.58 -2.71
N LYS A 4 0.35 3.14 -3.46
CA LYS A 4 1.05 1.91 -3.14
C LYS A 4 1.66 1.95 -1.76
N GLN A 5 2.00 3.15 -1.32
CA GLN A 5 2.57 3.35 0.00
C GLN A 5 1.49 3.30 1.06
N TYR A 6 0.24 3.12 0.63
CA TYR A 6 -0.88 3.06 1.58
C TYR A 6 -1.08 1.64 2.08
N TRP A 7 -0.66 0.67 1.27
CA TRP A 7 -0.79 -0.72 1.62
C TRP A 7 0.00 -1.04 2.88
N TRP A 8 1.25 -1.47 2.73
CA TRP A 8 2.10 -1.80 3.87
C TRP A 8 1.74 -3.18 4.42
N ARG A 9 0.45 -3.40 4.61
CA ARG A 9 -0.06 -4.65 5.18
C ARG A 9 -0.84 -5.51 4.18
N PRO A 10 -1.60 -4.91 3.25
CA PRO A 10 -2.38 -5.67 2.28
C PRO A 10 -1.60 -5.98 1.00
N SER A 11 -0.57 -5.20 0.73
CA SER A 11 0.26 -5.42 -0.45
C SER A 11 1.34 -6.47 -0.16
N ILE A 12 1.25 -7.08 1.02
CA ILE A 12 2.21 -8.11 1.41
C ILE A 12 1.66 -9.50 1.16
N HIS A 1 -0.31 11.54 -4.72
CA HIS A 1 0.59 10.36 -4.59
C HIS A 1 -0.17 9.05 -4.81
N PRO A 2 0.37 8.14 -5.64
CA PRO A 2 -0.25 6.85 -5.94
C PRO A 2 -0.60 6.07 -4.69
N LEU A 3 -0.93 4.80 -4.90
CA LEU A 3 -1.30 3.91 -3.81
C LEU A 3 -0.09 3.15 -3.26
N LYS A 4 1.11 3.67 -3.52
CA LYS A 4 2.33 3.02 -3.05
C LYS A 4 2.30 2.84 -1.54
N GLN A 5 1.52 3.65 -0.87
CA GLN A 5 1.41 3.57 0.58
C GLN A 5 0.29 2.63 1.00
N TYR A 6 -0.29 1.93 0.03
CA TYR A 6 -1.36 0.99 0.32
C TYR A 6 -0.83 -0.40 0.62
N TRP A 7 0.33 -0.71 0.06
CA TRP A 7 0.94 -2.01 0.28
C TRP A 7 1.89 -1.98 1.47
N TRP A 8 1.35 -1.58 2.62
CA TRP A 8 2.14 -1.49 3.84
C TRP A 8 1.70 -2.53 4.86
N ARG A 9 0.47 -3.00 4.70
CA ARG A 9 -0.11 -3.99 5.61
C ARG A 9 -1.22 -4.82 4.95
N PRO A 10 -2.16 -4.18 4.23
CA PRO A 10 -3.26 -4.87 3.59
C PRO A 10 -2.96 -5.30 2.16
N SER A 11 -2.49 -4.36 1.35
CA SER A 11 -2.13 -4.67 -0.03
C SER A 11 -0.75 -5.30 -0.08
N ILE A 12 -0.31 -5.86 1.05
CA ILE A 12 1.00 -6.49 1.14
C ILE A 12 2.11 -5.46 0.94
N HIS A 1 2.12 10.65 -6.90
CA HIS A 1 2.44 9.27 -6.45
C HIS A 1 1.18 8.49 -6.08
N PRO A 2 0.98 7.30 -6.66
CA PRO A 2 -0.20 6.47 -6.39
C PRO A 2 -0.31 6.09 -4.92
N LEU A 3 -1.10 5.07 -4.67
CA LEU A 3 -1.33 4.57 -3.32
C LEU A 3 -0.34 3.47 -2.96
N LYS A 4 0.84 3.49 -3.58
CA LYS A 4 1.86 2.48 -3.34
C LYS A 4 2.20 2.40 -1.86
N GLN A 5 2.05 3.50 -1.18
CA GLN A 5 2.34 3.54 0.25
C GLN A 5 1.11 3.12 1.05
N TYR A 6 0.06 2.71 0.35
CA TYR A 6 -1.16 2.30 1.04
C TYR A 6 -1.17 0.82 1.34
N TRP A 7 -0.41 0.04 0.58
CA TRP A 7 -0.35 -1.39 0.81
C TRP A 7 0.80 -1.74 1.73
N TRP A 8 0.77 -1.19 2.92
CA TRP A 8 1.80 -1.43 3.91
C TRP A 8 1.62 -2.81 4.54
N ARG A 9 0.38 -3.21 4.78
CA ARG A 9 0.12 -4.50 5.40
C ARG A 9 -1.07 -5.27 4.79
N PRO A 10 -1.61 -4.88 3.60
CA PRO A 10 -2.73 -5.61 3.00
C PRO A 10 -2.33 -6.98 2.48
N SER A 11 -1.04 -7.15 2.22
CA SER A 11 -0.53 -8.41 1.72
C SER A 11 -0.81 -9.56 2.69
N ILE A 12 -1.19 -9.22 3.92
CA ILE A 12 -1.49 -10.23 4.93
C ILE A 12 -2.99 -10.42 5.09
N HIS A 1 1.94 11.20 -5.54
CA HIS A 1 2.37 9.79 -5.69
C HIS A 1 1.19 8.83 -5.52
N PRO A 2 1.16 7.74 -6.31
CA PRO A 2 0.09 6.75 -6.26
C PRO A 2 -0.17 6.23 -4.85
N LEU A 3 -0.98 5.20 -4.78
CA LEU A 3 -1.33 4.58 -3.51
C LEU A 3 -0.38 3.45 -3.14
N LYS A 4 0.82 3.45 -3.74
CA LYS A 4 1.80 2.41 -3.47
C LYS A 4 2.12 2.32 -1.98
N GLN A 5 1.91 3.41 -1.28
CA GLN A 5 2.18 3.46 0.15
C GLN A 5 0.95 3.06 0.96
N TYR A 6 -0.08 2.59 0.28
CA TYR A 6 -1.29 2.17 0.95
C TYR A 6 -1.26 0.70 1.32
N TRP A 7 -0.50 -0.07 0.56
CA TRP A 7 -0.39 -1.49 0.82
C TRP A 7 0.79 -1.78 1.72
N TRP A 8 0.75 -1.20 2.91
CA TRP A 8 1.79 -1.38 3.88
C TRP A 8 1.67 -2.75 4.54
N ARG A 9 0.43 -3.16 4.84
CA ARG A 9 0.21 -4.45 5.49
C ARG A 9 -0.97 -5.27 4.92
N PRO A 10 -1.59 -4.90 3.78
CA PRO A 10 -2.71 -5.68 3.23
C PRO A 10 -2.25 -7.02 2.65
N SER A 11 -0.97 -7.12 2.32
CA SER A 11 -0.42 -8.34 1.76
C SER A 11 0.05 -9.28 2.87
N ILE A 12 -0.48 -9.12 4.07
CA ILE A 12 -0.11 -9.95 5.20
C ILE A 12 -0.60 -11.39 5.01
N HIS A 1 1.76 10.78 -6.01
CA HIS A 1 2.01 9.32 -6.18
C HIS A 1 0.78 8.50 -5.82
N PRO A 2 0.55 7.38 -6.54
CA PRO A 2 -0.60 6.50 -6.29
C PRO A 2 -0.65 6.00 -4.86
N LEU A 3 -1.42 4.93 -4.68
CA LEU A 3 -1.56 4.32 -3.37
C LEU A 3 -0.51 3.22 -3.13
N LYS A 4 0.66 3.41 -3.71
CA LYS A 4 1.75 2.45 -3.56
C LYS A 4 2.33 2.46 -2.15
N GLN A 5 2.10 3.55 -1.43
CA GLN A 5 2.61 3.69 -0.07
C GLN A 5 1.63 3.18 0.98
N TYR A 6 0.45 2.78 0.53
CA TYR A 6 -0.58 2.29 1.44
C TYR A 6 -0.51 0.77 1.64
N TRP A 7 0.22 0.09 0.77
CA TRP A 7 0.38 -1.35 0.87
C TRP A 7 1.24 -1.73 2.05
N TRP A 8 0.85 -1.25 3.21
CA TRP A 8 1.57 -1.52 4.43
C TRP A 8 1.07 -2.80 5.08
N ARG A 9 -0.22 -3.09 4.91
CA ARG A 9 -0.81 -4.29 5.50
C ARG A 9 -1.69 -5.09 4.52
N PRO A 10 -1.62 -4.85 3.19
CA PRO A 10 -2.44 -5.61 2.24
C PRO A 10 -1.98 -7.05 2.12
N SER A 11 -0.69 -7.28 2.38
CA SER A 11 -0.13 -8.62 2.30
C SER A 11 -0.36 -9.39 3.59
N ILE A 12 -1.35 -8.98 4.37
CA ILE A 12 -1.67 -9.65 5.62
C ILE A 12 -0.48 -9.59 6.58
N HIS A 1 2.37 9.48 -8.17
CA HIS A 1 2.37 9.07 -6.73
C HIS A 1 1.15 8.21 -6.41
N PRO A 2 1.12 6.96 -6.90
CA PRO A 2 0.02 6.03 -6.67
C PRO A 2 -0.24 5.79 -5.18
N LEU A 3 -0.96 4.72 -4.92
CA LEU A 3 -1.29 4.33 -3.56
C LEU A 3 -0.25 3.37 -2.98
N LYS A 4 0.99 3.49 -3.46
CA LYS A 4 2.07 2.64 -3.02
C LYS A 4 2.22 2.69 -1.51
N GLN A 5 1.90 3.84 -0.95
CA GLN A 5 1.98 4.04 0.49
C GLN A 5 0.73 3.53 1.18
N TYR A 6 -0.21 3.02 0.40
CA TYR A 6 -1.46 2.51 0.95
C TYR A 6 -1.36 1.03 1.31
N TRP A 7 -0.39 0.34 0.72
CA TRP A 7 -0.21 -1.07 0.98
C TRP A 7 0.08 -1.33 2.46
N TRP A 8 1.37 -1.38 2.83
CA TRP A 8 1.79 -1.64 4.20
C TRP A 8 1.82 -3.12 4.50
N ARG A 9 0.93 -3.88 3.84
CA ARG A 9 0.84 -5.34 4.01
C ARG A 9 -0.60 -5.87 3.82
N PRO A 10 -1.63 -5.14 4.30
CA PRO A 10 -3.03 -5.57 4.14
C PRO A 10 -3.47 -5.59 2.68
N SER A 11 -2.73 -4.90 1.83
CA SER A 11 -3.04 -4.84 0.41
C SER A 11 -2.49 -6.05 -0.33
N ILE A 12 -1.97 -7.03 0.42
CA ILE A 12 -1.42 -8.24 -0.18
C ILE A 12 -2.49 -9.30 -0.37
N HIS A 1 -0.96 11.13 -5.66
CA HIS A 1 -0.37 10.39 -4.52
C HIS A 1 -0.68 8.89 -4.62
N PRO A 2 0.07 8.17 -5.48
CA PRO A 2 -0.11 6.74 -5.70
C PRO A 2 -0.51 5.97 -4.46
N LEU A 3 -1.04 4.78 -4.70
CA LEU A 3 -1.48 3.90 -3.63
C LEU A 3 -0.36 2.96 -3.17
N LYS A 4 0.77 2.99 -3.87
CA LYS A 4 1.88 2.11 -3.53
C LYS A 4 2.25 2.22 -2.05
N GLN A 5 2.09 3.41 -1.52
CA GLN A 5 2.40 3.67 -0.12
C GLN A 5 1.30 3.16 0.81
N TYR A 6 0.22 2.64 0.23
CA TYR A 6 -0.89 2.12 1.01
C TYR A 6 -0.70 0.64 1.32
N TRP A 7 0.11 -0.03 0.51
CA TRP A 7 0.38 -1.44 0.67
C TRP A 7 1.30 -1.69 1.85
N TRP A 8 0.88 -1.19 2.99
CA TRP A 8 1.63 -1.34 4.22
C TRP A 8 1.14 -2.56 4.99
N ARG A 9 -0.15 -2.84 4.87
CA ARG A 9 -0.74 -3.99 5.56
C ARG A 9 -1.65 -4.82 4.67
N PRO A 10 -1.55 -4.71 3.33
CA PRO A 10 -2.40 -5.50 2.42
C PRO A 10 -2.04 -6.98 2.45
N SER A 11 -0.78 -7.26 2.74
CA SER A 11 -0.31 -8.64 2.81
C SER A 11 -1.11 -9.44 3.84
N ILE A 12 -1.87 -8.75 4.69
CA ILE A 12 -2.69 -9.41 5.70
C ILE A 12 -3.69 -10.36 5.05
N HIS A 1 2.65 9.84 -4.36
CA HIS A 1 1.29 10.25 -4.81
C HIS A 1 0.36 9.04 -4.97
N PRO A 2 0.73 8.06 -5.82
CA PRO A 2 -0.08 6.86 -6.05
C PRO A 2 -0.45 6.14 -4.76
N LEU A 3 -0.91 4.92 -4.93
CA LEU A 3 -1.32 4.08 -3.80
C LEU A 3 -0.16 3.24 -3.28
N LYS A 4 1.07 3.63 -3.61
CA LYS A 4 2.25 2.88 -3.16
C LYS A 4 2.28 2.74 -1.65
N GLN A 5 1.60 3.65 -0.97
CA GLN A 5 1.56 3.63 0.48
C GLN A 5 0.38 2.80 0.98
N TYR A 6 -0.31 2.13 0.07
CA TYR A 6 -1.45 1.32 0.44
C TYR A 6 -1.04 -0.11 0.76
N TRP A 7 0.05 -0.55 0.16
CA TRP A 7 0.55 -1.89 0.40
C TRP A 7 1.55 -1.91 1.54
N TRP A 8 1.11 -1.43 2.70
CA TRP A 8 1.95 -1.37 3.88
C TRP A 8 1.75 -2.59 4.75
N ARG A 9 0.55 -3.18 4.68
CA ARG A 9 0.21 -4.35 5.48
C ARG A 9 -0.91 -5.19 4.85
N PRO A 10 -2.01 -4.55 4.41
CA PRO A 10 -3.14 -5.24 3.81
C PRO A 10 -3.04 -5.38 2.31
N SER A 11 -2.88 -4.25 1.62
CA SER A 11 -2.76 -4.28 0.16
C SER A 11 -1.42 -4.87 -0.25
N ILE A 12 -0.71 -5.47 0.69
CA ILE A 12 0.59 -6.08 0.40
C ILE A 12 0.50 -7.03 -0.78
N HIS A 1 2.13 10.37 -7.21
CA HIS A 1 2.30 8.92 -6.96
C HIS A 1 1.00 8.29 -6.43
N PRO A 2 0.65 7.09 -6.90
CA PRO A 2 -0.56 6.38 -6.47
C PRO A 2 -0.53 6.02 -5.00
N LEU A 3 -1.37 5.07 -4.64
CA LEU A 3 -1.47 4.59 -3.27
C LEU A 3 -0.52 3.42 -3.03
N LYS A 4 0.64 3.45 -3.67
CA LYS A 4 1.63 2.40 -3.52
C LYS A 4 2.23 2.39 -2.12
N GLN A 5 2.10 3.50 -1.41
CA GLN A 5 2.63 3.62 -0.06
C GLN A 5 1.64 3.18 1.00
N TYR A 6 0.43 2.84 0.58
CA TYR A 6 -0.61 2.42 1.51
C TYR A 6 -0.61 0.92 1.74
N TRP A 7 0.05 0.18 0.86
CA TRP A 7 0.12 -1.26 0.97
C TRP A 7 1.05 -1.67 2.12
N TRP A 8 0.74 -1.15 3.28
CA TRP A 8 1.51 -1.43 4.47
C TRP A 8 1.22 -2.84 4.99
N ARG A 9 -0.04 -3.26 4.91
CA ARG A 9 -0.41 -4.59 5.40
C ARG A 9 -1.39 -5.37 4.49
N PRO A 10 -1.70 -4.92 3.25
CA PRO A 10 -2.62 -5.66 2.38
C PRO A 10 -2.00 -6.95 1.85
N SER A 11 -0.68 -7.01 1.84
CA SER A 11 0.04 -8.19 1.36
C SER A 11 -0.11 -9.37 2.33
N ILE A 12 -0.77 -9.14 3.45
CA ILE A 12 -0.97 -10.18 4.45
C ILE A 12 -2.45 -10.46 4.67
N HIS A 1 1.40 11.29 -6.01
CA HIS A 1 2.01 9.96 -5.74
C HIS A 1 0.93 8.88 -5.59
N PRO A 2 1.03 7.78 -6.35
CA PRO A 2 0.07 6.68 -6.29
C PRO A 2 -0.19 6.20 -4.88
N LEU A 3 -0.99 5.17 -4.78
CA LEU A 3 -1.33 4.57 -3.49
C LEU A 3 -0.37 3.45 -3.12
N LYS A 4 0.82 3.44 -3.74
CA LYS A 4 1.81 2.41 -3.47
C LYS A 4 2.15 2.32 -1.99
N GLN A 5 1.96 3.42 -1.29
CA GLN A 5 2.25 3.46 0.13
C GLN A 5 1.03 3.07 0.96
N TYR A 6 -0.02 2.64 0.29
CA TYR A 6 -1.25 2.23 1.00
C TYR A 6 -1.24 0.75 1.34
N TRP A 7 -0.49 -0.03 0.59
CA TRP A 7 -0.41 -1.46 0.85
C TRP A 7 0.77 -1.78 1.76
N TRP A 8 0.73 -1.19 2.94
CA TRP A 8 1.77 -1.40 3.92
C TRP A 8 1.63 -2.77 4.58
N ARG A 9 0.40 -3.18 4.85
CA ARG A 9 0.16 -4.47 5.49
C ARG A 9 -1.02 -5.27 4.89
N PRO A 10 -1.55 -4.92 3.70
CA PRO A 10 -2.67 -5.69 3.12
C PRO A 10 -2.25 -7.08 2.69
N SER A 11 -0.95 -7.26 2.45
CA SER A 11 -0.43 -8.55 2.03
C SER A 11 -0.56 -9.60 3.14
N ILE A 12 -0.98 -9.17 4.33
CA ILE A 12 -1.14 -10.08 5.45
C ILE A 12 0.20 -10.68 5.87
N HIS A 1 -0.17 11.69 -5.01
CA HIS A 1 0.85 10.62 -4.99
C HIS A 1 0.21 9.24 -5.05
N PRO A 2 0.78 8.31 -5.84
CA PRO A 2 0.26 6.96 -6.00
C PRO A 2 -0.11 6.31 -4.69
N LEU A 3 -0.83 5.21 -4.80
CA LEU A 3 -1.28 4.46 -3.64
C LEU A 3 -0.29 3.36 -3.24
N LYS A 4 0.90 3.36 -3.83
CA LYS A 4 1.90 2.34 -3.51
C LYS A 4 2.15 2.27 -2.01
N GLN A 5 1.88 3.37 -1.32
CA GLN A 5 2.08 3.43 0.11
C GLN A 5 0.84 2.95 0.87
N TYR A 6 -0.15 2.44 0.14
CA TYR A 6 -1.37 1.95 0.77
C TYR A 6 -1.26 0.48 1.12
N TRP A 7 -0.44 -0.24 0.37
CA TRP A 7 -0.26 -1.67 0.62
C TRP A 7 0.90 -1.91 1.56
N TRP A 8 0.81 -1.33 2.74
CA TRP A 8 1.84 -1.46 3.75
C TRP A 8 1.55 -2.66 4.65
N ARG A 9 0.26 -2.91 4.89
CA ARG A 9 -0.14 -4.02 5.76
C ARG A 9 -1.20 -4.93 5.13
N PRO A 10 -1.50 -4.84 3.82
CA PRO A 10 -2.51 -5.72 3.20
C PRO A 10 -2.02 -7.15 3.08
N SER A 11 -0.70 -7.32 3.05
CA SER A 11 -0.10 -8.64 2.93
C SER A 11 -0.72 -9.62 3.93
N ILE A 12 -1.33 -9.09 4.99
CA ILE A 12 -1.96 -9.93 6.00
C ILE A 12 -3.02 -10.83 5.38
N HIS A 1 1.37 10.74 -6.07
CA HIS A 1 1.57 9.82 -4.92
C HIS A 1 0.45 8.78 -4.85
N PRO A 2 0.43 7.82 -5.79
CA PRO A 2 -0.57 6.77 -5.85
C PRO A 2 -0.71 6.00 -4.54
N LEU A 3 -1.36 4.86 -4.63
CA LEU A 3 -1.59 4.00 -3.48
C LEU A 3 -0.45 2.99 -3.31
N LYS A 4 0.74 3.35 -3.74
CA LYS A 4 1.88 2.46 -3.64
C LYS A 4 2.39 2.39 -2.21
N GLN A 5 2.22 3.47 -1.49
CA GLN A 5 2.65 3.53 -0.11
C GLN A 5 1.51 3.08 0.81
N TYR A 6 0.45 2.56 0.20
CA TYR A 6 -0.71 2.11 0.96
C TYR A 6 -0.56 0.63 1.33
N TRP A 7 0.26 -0.08 0.56
CA TRP A 7 0.50 -1.49 0.78
C TRP A 7 1.32 -1.72 2.03
N TRP A 8 0.81 -1.19 3.12
CA TRP A 8 1.46 -1.32 4.42
C TRP A 8 0.95 -2.55 5.14
N ARG A 9 -0.31 -2.88 4.93
CA ARG A 9 -0.92 -4.04 5.58
C ARG A 9 -1.75 -4.91 4.62
N PRO A 10 -1.57 -4.80 3.29
CA PRO A 10 -2.34 -5.61 2.33
C PRO A 10 -1.93 -7.07 2.37
N SER A 11 -0.68 -7.31 2.76
CA SER A 11 -0.15 -8.67 2.84
C SER A 11 -0.57 -9.36 4.14
N ILE A 12 -1.76 -9.03 4.64
CA ILE A 12 -2.26 -9.62 5.87
C ILE A 12 -3.08 -10.87 5.57
#